data_3BGY
#
_entry.id   3BGY
#
_cell.length_a   39.640
_cell.length_b   48.460
_cell.length_c   69.700
_cell.angle_alpha   74.62
_cell.angle_beta   86.48
_cell.angle_gamma   76.36
#
_symmetry.space_group_name_H-M   'P 1'
#
loop_
_entity.id
_entity.type
_entity.pdbx_description
1 polymer "Polynucleotide 5'-triphosphatase"
2 non-polymer 'ACETATE ION'
3 water water
#
_entity_poly.entity_id   1
_entity_poly.type   'polypeptide(L)'
_entity_poly.pdbx_seq_one_letter_code
;MGTKLKKSNNDITIFSENEYNEIVEMLRDYSNGDNLEFEVSFKNINYPNFMRITEHYINITPENKIESNNYLDISLIFPD
KNVYRVSLFNQEQIGEFITKFSKASSNDISRYIVSLDPSDDIEIVYKNRGSGKLIGIDNWAITIKSTEEIPLVAGKSKIS
KPKITGSERIMYRYKTRYSFTINKNSRIDITDVKSSPIIWKLMTVPSNYELELELINKIDINTLESELLNVFMIIQD
;
_entity_poly.pdbx_strand_id   A,B
#
# COMPACT_ATOMS: atom_id res chain seq x y z
N ILE A 12 -6.06 -26.40 -23.93
CA ILE A 12 -5.97 -25.07 -23.25
C ILE A 12 -4.57 -24.89 -22.64
N THR A 13 -3.79 -23.99 -23.23
CA THR A 13 -2.44 -23.68 -22.75
C THR A 13 -2.47 -22.30 -22.09
N ILE A 14 -1.69 -22.15 -21.03
CA ILE A 14 -1.59 -20.91 -20.27
C ILE A 14 -0.47 -20.02 -20.78
N PHE A 15 0.67 -20.64 -21.07
CA PHE A 15 1.85 -19.90 -21.48
C PHE A 15 2.05 -19.78 -22.98
N SER A 16 2.53 -18.61 -23.40
CA SER A 16 2.87 -18.38 -24.81
C SER A 16 4.23 -19.08 -24.98
N GLU A 17 4.71 -19.20 -26.22
CA GLU A 17 6.00 -19.85 -26.45
C GLU A 17 7.15 -19.13 -25.73
N ASN A 18 7.13 -17.79 -25.74
CA ASN A 18 8.19 -17.06 -25.08
C ASN A 18 8.11 -17.20 -23.55
N GLU A 19 6.90 -17.14 -23.00
CA GLU A 19 6.71 -17.29 -21.55
C GLU A 19 7.17 -18.67 -21.13
N TYR A 20 6.78 -19.68 -21.91
CA TYR A 20 7.21 -21.08 -21.64
C TYR A 20 8.74 -21.16 -21.54
N ASN A 21 9.45 -20.66 -22.56
CA ASN A 21 10.91 -20.73 -22.55
C ASN A 21 11.59 -19.95 -21.40
N GLU A 22 11.02 -18.81 -21.06
CA GLU A 22 11.55 -17.99 -19.97
C GLU A 22 11.31 -18.67 -18.61
N ILE A 23 10.14 -19.30 -18.46
CA ILE A 23 9.79 -20.01 -17.21
C ILE A 23 10.66 -21.25 -17.05
N VAL A 24 10.95 -21.95 -18.15
CA VAL A 24 11.87 -23.13 -18.07
C VAL A 24 13.24 -22.69 -17.53
N GLU A 25 13.76 -21.54 -17.96
CA GLU A 25 15.03 -21.03 -17.46
C GLU A 25 14.92 -20.68 -15.98
N MET A 26 13.79 -20.08 -15.58
CA MET A 26 13.55 -19.71 -14.17
C MET A 26 13.49 -20.95 -13.31
N LEU A 27 12.90 -22.02 -13.83
CA LEU A 27 12.80 -23.28 -13.10
C LEU A 27 14.17 -23.93 -12.90
N ARG A 28 15.02 -23.81 -13.91
CA ARG A 28 16.38 -24.35 -13.84
C ARG A 28 17.19 -23.54 -12.83
N ASP A 29 17.06 -22.21 -12.85
CA ASP A 29 17.78 -21.34 -11.91
C ASP A 29 17.36 -21.62 -10.48
N TYR A 30 16.06 -21.88 -10.30
CA TYR A 30 15.48 -22.23 -8.99
C TYR A 30 16.11 -23.54 -8.48
N SER A 31 16.18 -24.55 -9.33
CA SER A 31 16.74 -25.84 -8.94
C SER A 31 18.21 -25.82 -8.61
N ASN A 32 18.94 -24.92 -9.29
CA ASN A 32 20.39 -24.80 -9.10
C ASN A 32 20.80 -23.82 -8.01
N GLY A 33 19.83 -23.02 -7.57
CA GLY A 33 20.09 -22.03 -6.55
C GLY A 33 20.10 -22.61 -5.15
N ASP A 34 20.60 -21.80 -4.22
CA ASP A 34 20.64 -22.21 -2.83
C ASP A 34 19.37 -21.79 -2.11
N ASN A 35 19.06 -20.51 -2.22
CA ASN A 35 17.93 -19.93 -1.51
C ASN A 35 16.90 -19.24 -2.40
N LEU A 36 16.80 -19.69 -3.64
CA LEU A 36 15.80 -19.14 -4.54
C LEU A 36 14.49 -19.89 -4.31
N GLU A 37 13.38 -19.14 -4.36
CA GLU A 37 12.03 -19.70 -4.17
C GLU A 37 11.31 -19.43 -5.47
N PHE A 38 10.36 -20.27 -5.81
CA PHE A 38 9.61 -20.11 -7.06
C PHE A 38 8.14 -20.12 -6.66
N GLU A 39 7.43 -19.09 -7.11
CA GLU A 39 6.05 -18.89 -6.71
C GLU A 39 5.17 -18.40 -7.85
N VAL A 40 3.97 -18.94 -7.95
CA VAL A 40 3.00 -18.41 -8.93
C VAL A 40 1.94 -17.73 -8.07
N SER A 41 1.78 -16.43 -8.25
CA SER A 41 0.83 -15.63 -7.46
C SER A 41 -0.43 -15.39 -8.28
N PHE A 42 -1.59 -15.79 -7.73
CA PHE A 42 -2.88 -15.60 -8.40
C PHE A 42 -3.47 -14.28 -7.98
N LYS A 43 -3.85 -13.46 -8.97
CA LYS A 43 -4.39 -12.15 -8.66
C LYS A 43 -5.92 -12.13 -8.56
N ASN A 44 -6.47 -11.03 -8.04
CA ASN A 44 -7.92 -10.80 -7.89
C ASN A 44 -8.63 -11.81 -7.01
N ILE A 45 -7.97 -12.18 -5.91
CA ILE A 45 -8.58 -13.12 -4.98
C ILE A 45 -9.30 -12.29 -3.91
N ASN A 46 -10.62 -12.45 -3.84
CA ASN A 46 -11.42 -11.69 -2.88
C ASN A 46 -12.05 -12.66 -1.89
N TYR A 47 -12.85 -12.17 -0.95
CA TYR A 47 -13.41 -13.06 0.08
C TYR A 47 -14.19 -14.29 -0.46
N PRO A 48 -15.10 -14.12 -1.43
CA PRO A 48 -15.80 -15.33 -1.91
C PRO A 48 -14.86 -16.40 -2.52
N ASN A 49 -13.82 -15.94 -3.23
N ASN A 49 -13.84 -15.97 -3.25
CA ASN A 49 -12.79 -16.81 -3.87
CA ASN A 49 -12.90 -16.95 -3.82
C ASN A 49 -11.98 -17.51 -2.79
C ASN A 49 -12.04 -17.57 -2.73
N PHE A 50 -11.65 -16.76 -1.74
CA PHE A 50 -10.85 -17.24 -0.59
C PHE A 50 -11.61 -18.39 0.10
N MET A 51 -12.91 -18.15 0.32
N MET A 51 -12.92 -18.18 0.32
CA MET A 51 -13.79 -19.12 0.96
CA MET A 51 -13.76 -19.20 0.94
C MET A 51 -13.92 -20.40 0.10
C MET A 51 -13.83 -20.43 0.08
N ARG A 52 -14.07 -20.23 -1.22
CA ARG A 52 -14.19 -21.33 -2.15
C ARG A 52 -12.91 -22.19 -2.20
N ILE A 53 -11.76 -21.51 -2.31
N ILE A 53 -11.76 -21.52 -2.32
CA ILE A 53 -10.45 -22.18 -2.40
CA ILE A 53 -10.46 -22.21 -2.44
C ILE A 53 -10.12 -22.94 -1.14
C ILE A 53 -10.10 -22.93 -1.15
N THR A 54 -10.30 -22.28 0.00
CA THR A 54 -9.99 -22.88 1.28
C THR A 54 -10.86 -24.09 1.58
N GLU A 55 -12.16 -23.97 1.26
N GLU A 55 -12.16 -23.97 1.27
CA GLU A 55 -13.11 -25.06 1.48
CA GLU A 55 -13.10 -25.07 1.50
C GLU A 55 -12.76 -26.25 0.60
C GLU A 55 -12.80 -26.25 0.59
N HIS A 56 -12.40 -25.97 -0.66
CA HIS A 56 -12.06 -27.00 -1.63
C HIS A 56 -10.85 -27.81 -1.17
N TYR A 57 -9.78 -27.10 -0.80
CA TYR A 57 -8.56 -27.80 -0.39
C TYR A 57 -8.65 -28.50 0.95
N ILE A 58 -9.47 -27.98 1.86
CA ILE A 58 -9.64 -28.66 3.15
C ILE A 58 -10.32 -30.04 2.94
N ASN A 59 -11.37 -30.09 2.13
N ASN A 59 -11.34 -30.03 2.08
CA ASN A 59 -12.05 -31.38 1.91
CA ASN A 59 -12.12 -31.23 1.78
C ASN A 59 -11.29 -32.43 1.10
C ASN A 59 -11.38 -32.36 1.04
N ILE A 60 -10.40 -32.01 0.21
CA ILE A 60 -9.63 -32.99 -0.58
C ILE A 60 -8.24 -33.32 -0.01
N THR A 61 -7.71 -32.47 0.88
CA THR A 61 -6.36 -32.66 1.41
C THR A 61 -6.33 -33.41 2.72
N PRO A 62 -5.51 -34.49 2.81
CA PRO A 62 -5.45 -35.24 4.08
C PRO A 62 -4.92 -34.34 5.18
N GLU A 63 -5.48 -34.49 6.38
CA GLU A 63 -5.09 -33.66 7.51
C GLU A 63 -3.60 -33.49 7.79
N ASN A 64 -2.79 -34.54 7.52
CA ASN A 64 -1.34 -34.47 7.76
C ASN A 64 -0.63 -33.53 6.78
N LYS A 65 -1.32 -33.20 5.69
CA LYS A 65 -0.77 -32.33 4.66
C LYS A 65 -1.35 -30.92 4.69
N ILE A 66 -2.11 -30.61 5.75
CA ILE A 66 -2.70 -29.26 5.92
C ILE A 66 -1.96 -28.60 7.08
N GLU A 67 -1.59 -27.34 6.91
CA GLU A 67 -0.94 -26.60 7.98
C GLU A 67 -1.64 -25.24 8.01
N SER A 68 -2.06 -24.81 9.20
CA SER A 68 -2.70 -23.50 9.28
C SER A 68 -2.07 -22.74 10.43
N ASN A 69 -1.77 -21.47 10.20
CA ASN A 69 -1.12 -20.66 11.23
C ASN A 69 -1.58 -19.22 11.20
N ASN A 70 -1.58 -18.59 12.37
CA ASN A 70 -1.88 -17.17 12.53
C ASN A 70 -0.49 -16.62 12.95
N TYR A 71 0.00 -15.61 12.24
CA TYR A 71 1.32 -15.06 12.59
C TYR A 71 1.44 -13.60 12.20
N LEU A 72 2.39 -12.92 12.83
CA LEU A 72 2.65 -11.51 12.55
C LEU A 72 4.02 -11.36 11.86
N ASP A 73 4.02 -10.78 10.65
CA ASP A 73 5.26 -10.50 9.92
C ASP A 73 5.67 -9.06 10.16
N ILE A 74 6.93 -8.85 10.53
CA ILE A 74 7.45 -7.50 10.74
C ILE A 74 8.58 -7.38 9.75
N SER A 75 8.38 -6.51 8.76
CA SER A 75 9.40 -6.35 7.74
C SER A 75 10.15 -5.04 7.89
N LEU A 76 11.48 -5.12 7.93
CA LEU A 76 12.32 -3.91 7.96
C LEU A 76 12.76 -3.71 6.53
N ILE A 77 12.38 -2.58 5.95
CA ILE A 77 12.67 -2.25 4.56
C ILE A 77 13.78 -1.21 4.48
N PHE A 78 14.87 -1.63 3.84
CA PHE A 78 16.06 -0.80 3.76
C PHE A 78 16.09 0.11 2.54
N PRO A 79 16.94 1.17 2.55
CA PRO A 79 17.04 2.09 1.41
C PRO A 79 17.35 1.40 0.08
N ASP A 80 18.04 0.26 0.13
CA ASP A 80 18.36 -0.48 -1.09
C ASP A 80 17.20 -1.36 -1.57
N LYS A 81 16.07 -1.29 -0.85
CA LYS A 81 14.81 -2.00 -1.13
C LYS A 81 14.78 -3.47 -0.68
N ASN A 82 15.88 -3.91 -0.06
CA ASN A 82 15.93 -5.27 0.46
C ASN A 82 15.26 -5.31 1.81
N VAL A 83 14.93 -6.52 2.27
CA VAL A 83 14.11 -6.63 3.45
C VAL A 83 14.62 -7.64 4.46
N TYR A 84 14.49 -7.30 5.74
CA TYR A 84 14.85 -8.21 6.84
C TYR A 84 13.49 -8.44 7.50
N ARG A 85 12.98 -9.66 7.38
CA ARG A 85 11.64 -9.98 7.91
C ARG A 85 11.60 -11.03 9.01
N VAL A 86 10.92 -10.70 10.10
CA VAL A 86 10.73 -11.62 11.20
C VAL A 86 9.25 -12.05 11.24
N SER A 87 8.99 -13.35 11.32
CA SER A 87 7.62 -13.86 11.45
C SER A 87 7.46 -14.42 12.86
N LEU A 88 6.51 -13.90 13.60
CA LEU A 88 6.24 -14.34 14.98
C LEU A 88 5.03 -15.27 14.96
N PHE A 89 5.25 -16.54 15.34
CA PHE A 89 4.18 -17.54 15.33
C PHE A 89 3.55 -17.81 16.69
N ASN A 90 4.23 -17.41 17.76
CA ASN A 90 3.68 -17.64 19.10
C ASN A 90 2.67 -16.52 19.42
N GLN A 91 1.40 -16.89 19.64
CA GLN A 91 0.33 -15.91 19.92
C GLN A 91 0.52 -15.00 21.12
N GLU A 92 1.12 -15.55 22.19
CA GLU A 92 1.39 -14.77 23.39
C GLU A 92 2.50 -13.72 23.09
N GLN A 93 3.48 -14.12 22.28
CA GLN A 93 4.60 -13.24 21.88
C GLN A 93 4.11 -12.11 20.95
N ILE A 94 3.15 -12.42 20.08
CA ILE A 94 2.54 -11.43 19.15
C ILE A 94 1.85 -10.35 19.99
N GLY A 95 1.07 -10.79 20.99
CA GLY A 95 0.35 -9.90 21.88
C GLY A 95 1.29 -9.04 22.70
N GLU A 96 2.39 -9.64 23.14
CA GLU A 96 3.41 -8.95 23.94
C GLU A 96 4.13 -7.90 23.12
N PHE A 97 4.40 -8.22 21.85
CA PHE A 97 5.06 -7.30 20.94
C PHE A 97 4.17 -6.08 20.71
N ILE A 98 2.90 -6.31 20.38
CA ILE A 98 1.94 -5.23 20.12
C ILE A 98 1.76 -4.30 21.32
N THR A 99 1.51 -4.87 22.50
CA THR A 99 1.33 -4.07 23.71
C THR A 99 2.57 -3.27 24.10
N LYS A 100 3.74 -3.91 23.99
CA LYS A 100 5.02 -3.27 24.33
C LYS A 100 5.48 -2.21 23.33
N PHE A 101 5.36 -2.49 22.04
CA PHE A 101 5.82 -1.58 21.00
C PHE A 101 4.82 -0.65 20.30
N SER A 102 3.55 -0.67 20.72
CA SER A 102 2.47 0.17 20.14
C SER A 102 2.77 1.66 20.03
N LYS A 103 3.48 2.18 21.04
CA LYS A 103 3.85 3.60 21.12
C LYS A 103 5.38 3.82 21.11
N ALA A 104 6.15 2.76 20.81
CA ALA A 104 7.62 2.85 20.78
C ALA A 104 8.16 3.47 19.49
N SER A 105 9.41 3.94 19.51
CA SER A 105 10.01 4.56 18.31
C SER A 105 10.33 3.51 17.25
N SER A 106 10.38 3.90 15.98
CA SER A 106 10.69 2.94 14.93
C SER A 106 12.13 2.39 15.07
N ASN A 107 13.04 3.20 15.60
CA ASN A 107 14.42 2.77 15.83
C ASN A 107 14.48 1.71 16.92
N ASP A 108 13.63 1.85 17.96
CA ASP A 108 13.53 0.89 19.07
C ASP A 108 12.99 -0.43 18.53
N ILE A 109 12.02 -0.34 17.62
CA ILE A 109 11.43 -1.52 17.01
C ILE A 109 12.44 -2.24 16.11
N SER A 110 13.16 -1.50 15.26
N SER A 110 13.16 -1.50 15.26
CA SER A 110 14.15 -2.10 14.36
CA SER A 110 14.16 -2.08 14.35
C SER A 110 15.27 -2.79 15.12
C SER A 110 15.38 -2.69 15.04
N ARG A 111 15.71 -2.16 16.22
CA ARG A 111 16.81 -2.71 17.02
C ARG A 111 16.36 -4.00 17.72
N TYR A 112 15.10 -4.04 18.14
CA TYR A 112 14.50 -5.21 18.77
C TYR A 112 14.40 -6.32 17.72
N ILE A 113 13.92 -5.97 16.53
CA ILE A 113 13.77 -6.95 15.45
C ILE A 113 15.09 -7.64 15.06
N VAL A 114 16.14 -6.86 14.85
CA VAL A 114 17.44 -7.45 14.49
C VAL A 114 18.14 -8.16 15.66
N SER A 115 17.63 -7.97 16.88
CA SER A 115 18.21 -8.60 18.07
C SER A 115 17.68 -10.02 18.30
N LEU A 116 16.52 -10.31 17.71
CA LEU A 116 15.89 -11.62 17.85
C LEU A 116 16.67 -12.76 17.25
N ASP A 117 16.72 -13.84 18.01
CA ASP A 117 17.37 -15.07 17.60
C ASP A 117 16.26 -15.94 17.00
N PRO A 118 16.57 -16.67 15.89
CA PRO A 118 15.58 -17.54 15.25
C PRO A 118 15.32 -18.80 16.09
N SER A 119 14.09 -19.30 15.99
CA SER A 119 13.66 -20.50 16.69
C SER A 119 12.49 -21.03 15.86
N ASP A 120 11.87 -22.12 16.32
CA ASP A 120 10.73 -22.68 15.60
C ASP A 120 9.53 -21.73 15.51
N ASP A 121 9.38 -20.87 16.52
CA ASP A 121 8.28 -19.91 16.57
C ASP A 121 8.64 -18.51 16.05
N ILE A 122 9.92 -18.31 15.68
CA ILE A 122 10.42 -17.04 15.16
C ILE A 122 11.23 -17.31 13.89
N GLU A 123 10.62 -17.05 12.74
CA GLU A 123 11.29 -17.28 11.47
C GLU A 123 11.86 -15.97 10.98
N ILE A 124 13.11 -16.01 10.53
CA ILE A 124 13.81 -14.80 10.09
C ILE A 124 14.41 -15.02 8.72
N VAL A 125 14.16 -14.06 7.82
CA VAL A 125 14.68 -14.14 6.47
C VAL A 125 15.18 -12.79 5.98
N TYR A 126 16.17 -12.85 5.11
CA TYR A 126 16.69 -11.66 4.45
C TYR A 126 16.26 -11.86 3.00
N LYS A 127 15.50 -10.91 2.50
CA LYS A 127 14.94 -10.99 1.15
C LYS A 127 15.67 -10.04 0.23
N ASN A 128 16.37 -10.60 -0.76
CA ASN A 128 17.10 -9.77 -1.72
C ASN A 128 16.12 -9.52 -2.85
N ARG A 129 15.45 -8.37 -2.78
CA ARG A 129 14.45 -8.02 -3.77
C ARG A 129 14.99 -7.65 -5.15
N GLY A 130 16.32 -7.53 -5.24
CA GLY A 130 16.95 -7.15 -6.50
C GLY A 130 17.41 -8.29 -7.40
N SER A 131 17.49 -9.51 -6.85
CA SER A 131 17.96 -10.66 -7.61
C SER A 131 16.88 -11.45 -8.33
N GLY A 132 15.64 -11.19 -7.95
CA GLY A 132 14.53 -11.91 -8.53
C GLY A 132 13.98 -11.50 -9.88
N LYS A 133 13.48 -12.50 -10.62
CA LYS A 133 12.85 -12.28 -11.90
C LYS A 133 11.35 -12.41 -11.64
N LEU A 134 10.57 -11.53 -12.25
CA LEU A 134 9.13 -11.55 -12.10
C LEU A 134 8.52 -11.31 -13.46
N ILE A 135 7.68 -12.24 -13.91
N ILE A 135 7.69 -12.25 -13.93
CA ILE A 135 7.00 -12.05 -15.19
CA ILE A 135 7.02 -12.06 -15.21
C ILE A 135 5.49 -12.16 -15.07
C ILE A 135 5.50 -12.21 -15.12
N GLY A 136 4.80 -11.33 -15.85
CA GLY A 136 3.35 -11.35 -15.89
C GLY A 136 3.03 -12.27 -17.05
N ILE A 137 1.84 -12.83 -17.03
CA ILE A 137 1.42 -13.76 -18.08
C ILE A 137 0.33 -13.11 -18.90
N ASP A 138 0.45 -13.17 -20.22
CA ASP A 138 -0.55 -12.58 -21.10
C ASP A 138 -1.91 -13.31 -20.97
N ASN A 139 -2.95 -12.51 -20.71
CA ASN A 139 -4.34 -12.97 -20.58
C ASN A 139 -4.76 -13.90 -19.42
N TRP A 140 -3.84 -14.15 -18.49
CA TRP A 140 -4.14 -14.98 -17.31
C TRP A 140 -3.72 -14.13 -16.12
N ALA A 141 -4.56 -14.08 -15.10
CA ALA A 141 -4.31 -13.25 -13.92
C ALA A 141 -3.32 -13.87 -12.90
N ILE A 142 -2.09 -14.08 -13.35
CA ILE A 142 -1.02 -14.62 -12.51
C ILE A 142 0.31 -14.02 -12.82
N THR A 143 1.20 -14.07 -11.82
CA THR A 143 2.57 -13.63 -12.01
C THR A 143 3.44 -14.80 -11.60
N ILE A 144 4.60 -14.96 -12.24
CA ILE A 144 5.51 -16.04 -11.87
C ILE A 144 6.71 -15.28 -11.29
N LYS A 145 7.18 -15.68 -10.11
CA LYS A 145 8.26 -14.96 -9.46
C LYS A 145 9.29 -15.90 -8.88
N SER A 146 10.54 -15.53 -9.06
N SER A 146 10.58 -15.56 -9.07
CA SER A 146 11.63 -16.25 -8.45
CA SER A 146 11.68 -16.35 -8.49
C SER A 146 12.27 -15.18 -7.60
C SER A 146 12.51 -15.36 -7.67
N THR A 147 12.53 -15.52 -6.34
CA THR A 147 13.22 -14.58 -5.47
C THR A 147 14.13 -15.25 -4.46
N GLU A 148 15.18 -14.52 -4.08
CA GLU A 148 16.16 -15.00 -3.11
C GLU A 148 15.74 -14.63 -1.71
N GLU A 149 15.60 -15.65 -0.85
CA GLU A 149 15.18 -15.46 0.52
C GLU A 149 16.10 -16.32 1.34
N ILE A 150 17.00 -15.67 2.07
CA ILE A 150 17.97 -16.39 2.89
C ILE A 150 17.47 -16.56 4.31
N PRO A 151 17.29 -17.82 4.76
CA PRO A 151 16.80 -18.01 6.14
C PRO A 151 17.95 -17.93 7.11
N LEU A 152 17.69 -17.28 8.25
CA LEU A 152 18.68 -17.18 9.31
C LEU A 152 18.17 -18.19 10.32
N VAL A 153 18.91 -19.28 10.50
CA VAL A 153 18.50 -20.36 11.40
C VAL A 153 19.32 -20.53 12.68
N ALA A 154 18.68 -21.18 13.66
CA ALA A 154 19.26 -21.45 14.98
C ALA A 154 20.40 -22.47 14.88
N GLY A 155 21.46 -22.24 15.65
CA GLY A 155 22.60 -23.14 15.66
C GLY A 155 23.63 -22.85 14.58
N LYS A 156 23.16 -22.41 13.41
CA LYS A 156 24.01 -22.06 12.26
C LYS A 156 24.83 -20.80 12.59
N SER A 157 26.03 -20.73 12.03
CA SER A 157 26.96 -19.62 12.24
C SER A 157 26.36 -18.24 11.91
N LYS A 158 26.41 -17.35 12.89
CA LYS A 158 25.88 -16.00 12.78
C LYS A 158 26.69 -15.08 11.86
N ILE A 159 26.11 -14.77 10.70
CA ILE A 159 26.72 -13.88 9.69
C ILE A 159 26.30 -12.46 10.07
N SER A 160 27.18 -11.48 9.81
CA SER A 160 26.92 -10.06 10.12
C SER A 160 25.53 -9.59 9.66
N LYS A 161 24.67 -9.25 10.64
CA LYS A 161 23.30 -8.78 10.39
C LYS A 161 23.29 -7.36 9.81
N PRO A 162 22.18 -6.93 9.14
CA PRO A 162 22.20 -5.56 8.59
C PRO A 162 22.19 -4.46 9.65
N LYS A 163 22.94 -3.41 9.38
CA LYS A 163 23.06 -2.29 10.29
C LYS A 163 21.85 -1.36 10.27
N ILE A 164 21.32 -1.08 11.46
CA ILE A 164 20.20 -0.17 11.62
C ILE A 164 20.72 1.26 11.61
N THR A 165 20.33 2.02 10.58
CA THR A 165 20.75 3.42 10.45
C THR A 165 19.72 4.36 11.06
N GLY A 166 18.48 3.89 11.16
CA GLY A 166 17.39 4.71 11.68
C GLY A 166 16.46 5.21 10.58
N SER A 167 16.83 4.99 9.32
CA SER A 167 16.02 5.44 8.19
C SER A 167 15.23 4.29 7.55
N GLU A 168 15.16 3.17 8.26
CA GLU A 168 14.41 1.98 7.77
C GLU A 168 12.91 2.23 7.80
N ARG A 169 12.21 1.63 6.84
CA ARG A 169 10.75 1.68 6.80
C ARG A 169 10.28 0.36 7.45
N ILE A 170 9.13 0.36 8.11
CA ILE A 170 8.64 -0.86 8.71
C ILE A 170 7.21 -1.15 8.23
N MET A 171 6.94 -2.42 7.95
N MET A 171 6.95 -2.42 7.92
CA MET A 171 5.62 -2.86 7.52
CA MET A 171 5.62 -2.88 7.48
C MET A 171 5.19 -4.05 8.37
C MET A 171 5.19 -4.06 8.33
N TYR A 172 3.91 -4.07 8.73
CA TYR A 172 3.32 -5.13 9.53
C TYR A 172 2.25 -5.85 8.77
N ARG A 173 2.30 -7.18 8.79
CA ARG A 173 1.26 -7.97 8.14
C ARG A 173 0.85 -9.08 9.09
N TYR A 174 -0.40 -9.07 9.49
CA TYR A 174 -0.95 -10.11 10.36
C TYR A 174 -1.62 -11.07 9.40
N LYS A 175 -1.22 -12.32 9.46
CA LYS A 175 -1.71 -13.32 8.51
C LYS A 175 -2.32 -14.57 9.08
N THR A 176 -3.37 -15.07 8.40
CA THR A 176 -3.98 -16.36 8.74
C THR A 176 -3.74 -17.11 7.44
N ARG A 177 -2.90 -18.11 7.53
N ARG A 177 -2.80 -18.05 7.47
CA ARG A 177 -2.53 -18.88 6.35
CA ARG A 177 -2.42 -18.84 6.27
C ARG A 177 -2.98 -20.33 6.46
C ARG A 177 -2.71 -20.34 6.35
N TYR A 178 -3.36 -20.86 5.31
CA TYR A 178 -3.71 -22.27 5.20
C TYR A 178 -2.76 -22.76 4.11
N SER A 179 -1.99 -23.80 4.41
CA SER A 179 -1.04 -24.37 3.45
C SER A 179 -1.40 -25.80 3.16
N PHE A 180 -1.52 -26.12 1.87
CA PHE A 180 -1.89 -27.47 1.48
C PHE A 180 -0.79 -28.10 0.67
N THR A 181 -0.15 -29.14 1.20
CA THR A 181 0.93 -29.80 0.48
C THR A 181 0.26 -30.80 -0.46
N ILE A 182 0.10 -30.39 -1.72
CA ILE A 182 -0.60 -31.23 -2.69
C ILE A 182 0.13 -32.48 -3.18
N ASN A 183 1.46 -32.40 -3.18
CA ASN A 183 2.35 -33.51 -3.54
C ASN A 183 3.72 -33.14 -3.01
N LYS A 184 4.71 -34.00 -3.25
CA LYS A 184 6.06 -33.77 -2.75
C LYS A 184 6.77 -32.52 -3.25
N ASN A 185 6.29 -31.98 -4.36
CA ASN A 185 6.94 -30.84 -5.00
C ASN A 185 6.25 -29.49 -5.01
N SER A 186 5.01 -29.44 -4.55
CA SER A 186 4.29 -28.18 -4.57
C SER A 186 3.32 -28.04 -3.41
N ARG A 187 3.04 -26.79 -3.08
CA ARG A 187 2.16 -26.45 -1.97
C ARG A 187 1.30 -25.25 -2.34
N ILE A 188 0.02 -25.30 -1.96
CA ILE A 188 -0.91 -24.20 -2.20
C ILE A 188 -0.99 -23.40 -0.89
N ASP A 189 -0.71 -22.09 -0.94
CA ASP A 189 -0.82 -21.23 0.26
C ASP A 189 -1.94 -20.24 -0.01
N ILE A 190 -2.90 -20.15 0.92
CA ILE A 190 -3.99 -19.19 0.78
C ILE A 190 -3.98 -18.42 2.08
N THR A 191 -3.98 -17.11 1.96
CA THR A 191 -3.81 -16.27 3.16
C THR A 191 -4.74 -15.09 3.28
N ASP A 192 -5.25 -14.87 4.49
CA ASP A 192 -6.08 -13.71 4.84
C ASP A 192 -5.00 -12.78 5.43
N VAL A 193 -4.74 -11.64 4.78
CA VAL A 193 -3.67 -10.75 5.23
C VAL A 193 -4.17 -9.38 5.64
N LYS A 194 -3.74 -8.90 6.81
CA LYS A 194 -4.07 -7.54 7.29
C LYS A 194 -2.75 -6.79 7.23
N SER A 195 -2.69 -5.75 6.41
N SER A 195 -2.69 -5.75 6.40
CA SER A 195 -1.46 -4.97 6.24
CA SER A 195 -1.46 -4.97 6.18
C SER A 195 -1.57 -3.54 6.74
C SER A 195 -1.52 -3.49 6.61
N SER A 196 -0.48 -3.04 7.31
CA SER A 196 -0.40 -1.67 7.80
C SER A 196 1.03 -1.16 8.04
N PRO A 197 1.27 0.16 7.80
CA PRO A 197 2.61 0.69 8.04
C PRO A 197 2.83 0.96 9.56
N ILE A 198 1.76 0.91 10.36
CA ILE A 198 1.87 1.12 11.82
C ILE A 198 1.18 -0.01 12.57
N ILE A 199 1.46 -0.15 13.86
CA ILE A 199 0.87 -1.22 14.69
C ILE A 199 -0.60 -0.98 15.07
N TRP A 200 -0.95 0.29 15.30
CA TRP A 200 -2.29 0.66 15.74
C TRP A 200 -3.45 0.09 14.93
N LYS A 201 -4.31 -0.64 15.65
CA LYS A 201 -5.51 -1.30 15.12
C LYS A 201 -5.25 -2.18 13.91
N LEU A 202 -4.11 -2.87 13.91
CA LEU A 202 -3.73 -3.76 12.81
C LEU A 202 -4.76 -4.86 12.62
N MET A 203 -5.19 -5.47 13.72
CA MET A 203 -6.15 -6.57 13.70
C MET A 203 -7.54 -6.19 13.16
N THR A 204 -7.78 -4.88 13.02
CA THR A 204 -9.08 -4.37 12.56
C THR A 204 -9.08 -3.85 11.12
N VAL A 205 -7.90 -3.76 10.50
CA VAL A 205 -7.86 -3.28 9.11
C VAL A 205 -8.50 -4.31 8.15
N PRO A 206 -9.19 -3.86 7.08
CA PRO A 206 -9.81 -4.84 6.18
C PRO A 206 -8.78 -5.78 5.58
N SER A 207 -9.15 -7.04 5.50
CA SER A 207 -8.26 -8.05 4.96
C SER A 207 -8.15 -8.09 3.45
N ASN A 208 -6.95 -8.43 2.96
N ASN A 208 -6.95 -8.47 2.97
CA ASN A 208 -6.80 -8.69 1.53
CA ASN A 208 -6.67 -8.69 1.55
C ASN A 208 -6.58 -10.20 1.53
C ASN A 208 -6.34 -10.18 1.47
N TYR A 209 -6.70 -10.82 0.36
CA TYR A 209 -6.54 -12.27 0.22
C TYR A 209 -5.52 -12.62 -0.85
N GLU A 210 -4.62 -13.54 -0.52
CA GLU A 210 -3.51 -13.92 -1.40
C GLU A 210 -3.48 -15.42 -1.62
N LEU A 211 -3.25 -15.83 -2.87
CA LEU A 211 -3.21 -17.26 -3.24
C LEU A 211 -1.95 -17.51 -4.04
N GLU A 212 -1.18 -18.50 -3.62
CA GLU A 212 0.03 -18.82 -4.37
C GLU A 212 0.27 -20.30 -4.47
N LEU A 213 0.92 -20.72 -5.55
N LEU A 213 0.90 -20.72 -5.56
CA LEU A 213 1.34 -22.11 -5.70
CA LEU A 213 1.33 -22.10 -5.67
C LEU A 213 2.87 -22.00 -5.60
C LEU A 213 2.83 -21.92 -5.42
N GLU A 214 3.45 -22.50 -4.50
N GLU A 214 3.40 -22.71 -4.52
CA GLU A 214 4.90 -22.43 -4.30
CA GLU A 214 4.82 -22.59 -4.20
C GLU A 214 5.54 -23.81 -4.48
C GLU A 214 5.53 -23.91 -4.49
N LEU A 215 6.69 -23.85 -5.14
CA LEU A 215 7.41 -25.10 -5.36
C LEU A 215 8.26 -25.45 -4.13
N ILE A 216 8.38 -26.76 -3.91
CA ILE A 216 9.20 -27.35 -2.84
C ILE A 216 10.45 -27.91 -3.56
N ASN A 217 10.22 -28.47 -4.76
CA ASN A 217 11.31 -28.99 -5.62
C ASN A 217 10.94 -28.60 -7.04
N LYS A 218 11.92 -28.60 -7.93
CA LYS A 218 11.71 -28.28 -9.37
C LYS A 218 10.76 -29.31 -9.96
N ILE A 219 9.94 -28.86 -10.90
CA ILE A 219 9.02 -29.74 -11.63
C ILE A 219 9.10 -29.31 -13.09
N ASP A 220 8.63 -30.16 -13.98
CA ASP A 220 8.61 -29.85 -15.42
C ASP A 220 7.56 -28.75 -15.59
N ILE A 221 7.79 -27.84 -16.55
CA ILE A 221 6.82 -26.78 -16.78
C ILE A 221 5.43 -27.27 -17.20
N ASN A 222 5.40 -28.44 -17.86
CA ASN A 222 4.12 -29.00 -18.29
C ASN A 222 3.31 -29.45 -17.09
N THR A 223 4.00 -29.97 -16.06
CA THR A 223 3.35 -30.35 -14.79
C THR A 223 2.84 -29.06 -14.09
N LEU A 224 3.65 -27.99 -14.13
CA LEU A 224 3.27 -26.71 -13.52
C LEU A 224 2.02 -26.16 -14.20
N GLU A 225 1.99 -26.23 -15.54
CA GLU A 225 0.85 -25.71 -16.31
C GLU A 225 -0.41 -26.48 -15.95
N SER A 226 -0.31 -27.81 -15.81
CA SER A 226 -1.45 -28.64 -15.42
C SER A 226 -1.94 -28.28 -14.02
N GLU A 227 -0.99 -28.01 -13.12
CA GLU A 227 -1.37 -27.64 -11.74
C GLU A 227 -2.02 -26.26 -11.71
N LEU A 228 -1.55 -25.34 -12.55
CA LEU A 228 -2.13 -24.00 -12.57
C LEU A 228 -3.54 -24.04 -13.17
N LEU A 229 -3.75 -24.92 -14.17
CA LEU A 229 -5.07 -25.09 -14.78
C LEU A 229 -6.07 -25.62 -13.75
N ASN A 230 -5.63 -26.54 -12.89
N ASN A 230 -5.60 -26.51 -12.89
CA ASN A 230 -6.49 -27.09 -11.84
CA ASN A 230 -6.41 -27.12 -11.82
C ASN A 230 -6.97 -25.99 -10.88
C ASN A 230 -6.92 -26.05 -10.85
N VAL A 231 -6.05 -25.09 -10.51
CA VAL A 231 -6.39 -23.97 -9.60
C VAL A 231 -7.35 -22.99 -10.30
N PHE A 232 -7.08 -22.68 -11.58
CA PHE A 232 -7.98 -21.81 -12.36
C PHE A 232 -9.39 -22.39 -12.50
N MET A 233 -9.50 -23.72 -12.54
CA MET A 233 -10.81 -24.37 -12.62
C MET A 233 -11.63 -24.16 -11.33
N ILE A 234 -10.92 -23.95 -10.22
CA ILE A 234 -11.60 -23.70 -8.96
C ILE A 234 -12.00 -22.22 -8.85
N ILE A 235 -11.06 -21.30 -9.12
CA ILE A 235 -11.36 -19.88 -8.98
C ILE A 235 -12.32 -19.27 -10.00
N GLN A 236 -12.41 -19.86 -11.19
CA GLN A 236 -13.31 -19.35 -12.23
C GLN A 236 -14.75 -19.85 -12.04
N ASP A 237 -15.69 -18.97 -12.35
CA ASP A 237 -17.12 -19.26 -12.23
C ASP A 237 -17.64 -19.97 -13.48
N THR B 13 5.98 37.20 14.03
CA THR B 13 5.14 36.47 13.04
C THR B 13 5.97 35.40 12.29
N ILE B 14 5.29 34.32 11.92
CA ILE B 14 5.85 33.17 11.17
C ILE B 14 5.94 33.60 9.68
N PHE B 15 5.10 34.56 9.30
CA PHE B 15 5.04 35.05 7.93
C PHE B 15 5.67 36.42 7.72
N SER B 16 6.14 36.66 6.51
CA SER B 16 6.68 37.97 6.11
C SER B 16 5.44 38.82 5.85
N GLU B 17 5.62 40.12 5.61
CA GLU B 17 4.50 41.00 5.35
C GLU B 17 3.76 40.55 4.09
N ASN B 18 4.52 40.18 3.05
CA ASN B 18 3.93 39.73 1.78
C ASN B 18 3.11 38.45 1.97
N GLU B 19 3.70 37.49 2.68
CA GLU B 19 3.04 36.20 2.92
C GLU B 19 1.77 36.41 3.74
N TYR B 20 1.85 37.27 4.74
CA TYR B 20 0.71 37.60 5.60
C TYR B 20 -0.45 38.11 4.74
N ASN B 21 -0.18 39.12 3.92
CA ASN B 21 -1.21 39.70 3.06
C ASN B 21 -1.80 38.72 2.06
N GLU B 22 -0.94 37.89 1.47
CA GLU B 22 -1.41 36.88 0.51
C GLU B 22 -2.32 35.85 1.17
N ILE B 23 -1.92 35.38 2.37
CA ILE B 23 -2.71 34.38 3.11
C ILE B 23 -4.04 34.95 3.61
N VAL B 24 -4.06 36.22 4.04
CA VAL B 24 -5.32 36.86 4.47
C VAL B 24 -6.33 36.85 3.31
N GLU B 25 -5.82 37.14 2.11
CA GLU B 25 -6.64 37.14 0.90
C GLU B 25 -7.16 35.73 0.58
N MET B 26 -6.28 34.73 0.67
CA MET B 26 -6.66 33.35 0.41
C MET B 26 -7.67 32.83 1.43
N LEU B 27 -7.50 33.24 2.69
CA LEU B 27 -8.45 32.84 3.74
C LEU B 27 -9.81 33.47 3.54
N ARG B 28 -9.84 34.71 3.02
CA ARG B 28 -11.12 35.37 2.76
C ARG B 28 -11.82 34.69 1.59
N ASP B 29 -11.06 34.38 0.54
CA ASP B 29 -11.59 33.72 -0.65
C ASP B 29 -12.15 32.35 -0.27
N TYR B 30 -11.43 31.64 0.62
CA TYR B 30 -11.89 30.34 1.11
C TYR B 30 -13.22 30.49 1.89
N SER B 31 -13.30 31.50 2.77
CA SER B 31 -14.50 31.73 3.58
C SER B 31 -15.73 32.10 2.75
N ASN B 32 -15.51 32.81 1.65
CA ASN B 32 -16.59 33.25 0.76
C ASN B 32 -16.93 32.29 -0.37
N GLY B 33 -16.00 31.38 -0.69
CA GLY B 33 -16.21 30.42 -1.73
C GLY B 33 -17.04 29.25 -1.26
N ASP B 34 -17.53 28.46 -2.21
CA ASP B 34 -18.32 27.28 -1.90
C ASP B 34 -17.46 26.05 -2.16
N ASN B 35 -16.75 26.07 -3.29
CA ASN B 35 -15.88 24.97 -3.69
C ASN B 35 -14.37 25.25 -3.56
N LEU B 36 -13.97 26.31 -2.86
CA LEU B 36 -12.54 26.59 -2.71
C LEU B 36 -12.01 25.79 -1.53
N GLU B 37 -10.86 25.14 -1.71
CA GLU B 37 -10.25 24.37 -0.60
C GLU B 37 -8.92 25.00 -0.20
N PHE B 38 -8.58 24.92 1.08
CA PHE B 38 -7.36 25.58 1.60
C PHE B 38 -6.56 24.52 2.31
N GLU B 39 -5.33 24.36 1.86
CA GLU B 39 -4.43 23.33 2.37
C GLU B 39 -3.02 23.81 2.61
N VAL B 40 -2.43 23.34 3.71
CA VAL B 40 -1.05 23.66 4.02
C VAL B 40 -0.32 22.31 3.94
N SER B 41 0.69 22.22 3.08
CA SER B 41 1.46 20.98 2.92
C SER B 41 2.81 21.16 3.59
N PHE B 42 3.13 20.27 4.53
CA PHE B 42 4.38 20.32 5.22
C PHE B 42 5.36 19.49 4.38
N LYS B 43 6.66 19.74 4.53
CA LYS B 43 7.69 19.00 3.79
C LYS B 43 7.52 17.53 4.12
N ASN B 44 7.80 16.66 3.16
CA ASN B 44 7.67 15.22 3.36
C ASN B 44 8.57 14.77 4.50
N ILE B 45 8.04 13.85 5.28
CA ILE B 45 8.74 13.32 6.41
C ILE B 45 9.20 11.94 6.03
N ASN B 46 10.18 11.42 6.77
CA ASN B 46 10.69 10.09 6.51
C ASN B 46 9.85 9.12 7.33
N TYR B 47 10.07 7.81 7.18
CA TYR B 47 9.28 6.83 7.93
C TYR B 47 9.29 6.99 9.47
N PRO B 48 10.47 7.10 10.13
CA PRO B 48 10.38 7.24 11.60
C PRO B 48 9.57 8.42 12.09
N ASN B 49 9.63 9.53 11.35
CA ASN B 49 8.87 10.72 11.73
C ASN B 49 7.39 10.52 11.39
N PHE B 50 7.10 9.76 10.33
CA PHE B 50 5.71 9.44 9.99
C PHE B 50 5.08 8.60 11.11
N MET B 51 5.79 7.56 11.55
CA MET B 51 5.26 6.69 12.59
C MET B 51 5.05 7.44 13.91
N ARG B 52 6.00 8.31 14.25
CA ARG B 52 5.97 9.11 15.49
C ARG B 52 4.86 10.15 15.51
N ILE B 53 4.72 10.88 14.41
CA ILE B 53 3.69 11.91 14.29
C ILE B 53 2.29 11.29 14.25
N THR B 54 2.13 10.20 13.49
CA THR B 54 0.86 9.51 13.44
C THR B 54 0.44 9.00 14.82
N GLU B 55 1.39 8.44 15.56
CA GLU B 55 1.07 7.92 16.89
C GLU B 55 0.70 9.00 17.89
N HIS B 56 1.25 10.19 17.71
CA HIS B 56 0.97 11.34 18.56
C HIS B 56 -0.47 11.76 18.32
N TYR B 57 -0.85 11.86 17.04
CA TYR B 57 -2.21 12.24 16.72
C TYR B 57 -3.25 11.22 17.13
N ILE B 58 -2.89 9.94 17.08
CA ILE B 58 -3.78 8.87 17.51
C ILE B 58 -4.03 9.00 19.04
N ASN B 59 -2.97 9.34 19.77
N ASN B 59 -2.96 9.35 19.76
CA ASN B 59 -3.03 9.49 21.23
CA ASN B 59 -2.99 9.52 21.22
C ASN B 59 -3.90 10.67 21.72
C ASN B 59 -3.92 10.65 21.69
N ILE B 60 -3.83 11.80 21.02
CA ILE B 60 -4.61 13.00 21.39
C ILE B 60 -5.97 13.19 20.74
N THR B 61 -6.30 12.37 19.75
CA THR B 61 -7.55 12.52 19.03
C THR B 61 -8.50 11.36 19.36
N PRO B 62 -9.77 11.68 19.74
CA PRO B 62 -10.74 10.61 20.05
C PRO B 62 -11.08 9.80 18.80
N GLU B 63 -11.36 8.51 18.98
CA GLU B 63 -11.66 7.60 17.87
C GLU B 63 -12.71 7.96 16.82
N ASN B 64 -13.74 8.70 17.22
CA ASN B 64 -14.80 9.13 16.29
C ASN B 64 -14.32 10.29 15.38
N LYS B 65 -13.17 10.87 15.72
CA LYS B 65 -12.57 11.94 14.92
C LYS B 65 -11.34 11.43 14.13
N ILE B 66 -11.16 10.12 14.10
CA ILE B 66 -10.06 9.49 13.35
C ILE B 66 -10.63 8.68 12.18
N GLU B 67 -10.10 8.89 10.97
CA GLU B 67 -10.53 8.14 9.81
C GLU B 67 -9.30 7.53 9.13
N SER B 68 -9.35 6.23 8.81
CA SER B 68 -8.23 5.59 8.12
C SER B 68 -8.76 4.96 6.84
N ASN B 69 -8.07 5.19 5.71
CA ASN B 69 -8.50 4.63 4.42
C ASN B 69 -7.33 4.21 3.54
N ASN B 70 -7.53 3.13 2.79
CA ASN B 70 -6.55 2.64 1.80
C ASN B 70 -7.26 2.84 0.48
N TYR B 71 -6.68 3.60 -0.46
CA TYR B 71 -7.36 3.85 -1.74
C TYR B 71 -6.41 4.18 -2.85
N LEU B 72 -6.90 4.03 -4.08
CA LEU B 72 -6.09 4.31 -5.25
C LEU B 72 -6.63 5.55 -5.92
N ASP B 73 -5.76 6.56 -6.10
CA ASP B 73 -6.13 7.80 -6.79
C ASP B 73 -5.56 7.74 -8.21
N ILE B 74 -6.42 7.97 -9.20
CA ILE B 74 -5.97 8.00 -10.59
C ILE B 74 -6.26 9.42 -11.05
N SER B 75 -5.19 10.16 -11.37
CA SER B 75 -5.31 11.56 -11.80
C SER B 75 -5.08 11.72 -13.30
N LEU B 76 -6.04 12.37 -13.98
CA LEU B 76 -5.95 12.70 -15.41
C LEU B 76 -5.59 14.18 -15.43
N ILE B 77 -4.37 14.47 -15.89
CA ILE B 77 -3.85 15.84 -15.92
C ILE B 77 -3.93 16.40 -17.34
N PHE B 78 -4.67 17.49 -17.47
CA PHE B 78 -4.92 18.16 -18.75
C PHE B 78 -3.89 19.25 -19.08
N PRO B 79 -3.77 19.67 -20.38
CA PRO B 79 -2.81 20.71 -20.77
C PRO B 79 -2.95 22.03 -20.01
N ASP B 80 -4.18 22.38 -19.63
CA ASP B 80 -4.46 23.61 -18.89
C ASP B 80 -4.11 23.50 -17.39
N LYS B 81 -3.48 22.36 -17.04
CA LYS B 81 -3.04 21.99 -15.68
C LYS B 81 -4.16 21.54 -14.72
N ASN B 82 -5.42 21.58 -15.18
CA ASN B 82 -6.56 21.14 -14.37
C ASN B 82 -6.51 19.62 -14.27
N VAL B 83 -7.07 19.08 -13.19
CA VAL B 83 -7.00 17.63 -12.96
C VAL B 83 -8.37 17.01 -12.73
N TYR B 84 -8.55 15.81 -13.26
CA TYR B 84 -9.80 15.05 -13.05
C TYR B 84 -9.32 13.82 -12.26
N ARG B 85 -9.76 13.72 -11.01
CA ARG B 85 -9.30 12.64 -10.12
C ARG B 85 -10.39 11.71 -9.64
N VAL B 86 -10.15 10.41 -9.84
CA VAL B 86 -11.04 9.36 -9.41
C VAL B 86 -10.32 8.60 -8.30
N SER B 87 -11.02 8.42 -7.20
CA SER B 87 -10.46 7.69 -6.05
C SER B 87 -11.25 6.40 -5.93
N LEU B 88 -10.55 5.26 -5.98
CA LEU B 88 -11.20 3.95 -5.86
C LEU B 88 -10.95 3.41 -4.45
N PHE B 89 -12.03 3.17 -3.70
CA PHE B 89 -11.96 2.67 -2.31
C PHE B 89 -12.22 1.19 -2.16
N ASN B 90 -12.86 0.59 -3.16
CA ASN B 90 -13.18 -0.83 -3.13
C ASN B 90 -11.93 -1.64 -3.49
N GLN B 91 -11.43 -2.43 -2.52
CA GLN B 91 -10.22 -3.22 -2.69
C GLN B 91 -10.26 -4.20 -3.88
N GLU B 92 -11.43 -4.77 -4.14
CA GLU B 92 -11.61 -5.70 -5.26
C GLU B 92 -11.46 -4.96 -6.58
N GLN B 93 -12.04 -3.75 -6.64
CA GLN B 93 -11.97 -2.92 -7.85
C GLN B 93 -10.54 -2.41 -8.10
N ILE B 94 -9.80 -2.10 -7.04
CA ILE B 94 -8.40 -1.65 -7.15
C ILE B 94 -7.58 -2.77 -7.78
N GLY B 95 -7.73 -3.98 -7.22
CA GLY B 95 -7.04 -5.16 -7.71
C GLY B 95 -7.39 -5.46 -9.15
N GLU B 96 -8.68 -5.33 -9.49
CA GLU B 96 -9.17 -5.57 -10.85
C GLU B 96 -8.63 -4.56 -11.83
N PHE B 97 -8.52 -3.31 -11.39
CA PHE B 97 -8.00 -2.23 -12.23
C PHE B 97 -6.53 -2.47 -12.55
N ILE B 98 -5.72 -2.76 -11.52
CA ILE B 98 -4.28 -3.01 -11.66
C ILE B 98 -3.99 -4.20 -12.58
N THR B 99 -4.74 -5.28 -12.40
CA THR B 99 -4.59 -6.50 -13.19
C THR B 99 -4.92 -6.29 -14.66
N LYS B 100 -6.11 -5.74 -14.93
CA LYS B 100 -6.60 -5.50 -16.28
C LYS B 100 -5.81 -4.47 -17.11
N PHE B 101 -5.42 -3.38 -16.46
CA PHE B 101 -4.72 -2.30 -17.14
C PHE B 101 -3.20 -2.21 -17.03
N SER B 102 -2.56 -3.26 -16.50
CA SER B 102 -1.10 -3.32 -16.33
C SER B 102 -0.27 -3.02 -17.58
N LYS B 103 -0.69 -3.57 -18.72
CA LYS B 103 0.01 -3.37 -19.98
C LYS B 103 -0.77 -2.52 -20.97
N ALA B 104 -1.87 -1.91 -20.52
CA ALA B 104 -2.70 -1.07 -21.37
C ALA B 104 -2.12 0.31 -21.67
N SER B 105 -2.66 0.92 -22.72
CA SER B 105 -2.22 2.23 -23.19
C SER B 105 -2.87 3.38 -22.42
N SER B 106 -2.26 4.56 -22.56
CA SER B 106 -2.71 5.79 -21.93
C SER B 106 -4.15 6.13 -22.28
N ASN B 107 -4.48 5.98 -23.58
CA ASN B 107 -5.83 6.26 -24.08
C ASN B 107 -6.90 5.30 -23.55
N ASP B 108 -6.57 4.02 -23.48
CA ASP B 108 -7.50 2.99 -22.98
C ASP B 108 -7.84 3.24 -21.50
N ILE B 109 -6.83 3.65 -20.73
CA ILE B 109 -6.99 3.92 -19.30
C ILE B 109 -7.82 5.17 -19.07
N SER B 110 -7.51 6.23 -19.82
CA SER B 110 -8.24 7.51 -19.73
C SER B 110 -9.71 7.34 -20.03
N ARG B 111 -10.02 6.46 -21.00
CA ARG B 111 -11.39 6.21 -21.38
C ARG B 111 -12.18 5.43 -20.33
N TYR B 112 -11.51 4.49 -19.66
CA TYR B 112 -12.14 3.71 -18.59
C TYR B 112 -12.41 4.67 -17.40
N ILE B 113 -11.43 5.51 -17.06
CA ILE B 113 -11.55 6.46 -15.95
C ILE B 113 -12.74 7.41 -16.08
N VAL B 114 -12.95 7.95 -17.28
N VAL B 114 -12.94 7.94 -17.29
CA VAL B 114 -14.05 8.86 -17.55
CA VAL B 114 -14.04 8.86 -17.57
C VAL B 114 -15.42 8.13 -17.61
C VAL B 114 -15.41 8.14 -17.65
N SER B 115 -15.39 6.82 -17.83
CA SER B 115 -16.62 6.01 -17.89
C SER B 115 -17.17 5.70 -16.50
N LEU B 116 -16.31 5.80 -15.49
CA LEU B 116 -16.71 5.53 -14.10
C LEU B 116 -17.68 6.56 -13.54
N ASP B 117 -18.67 6.06 -12.79
CA ASP B 117 -19.69 6.90 -12.17
C ASP B 117 -19.45 6.96 -10.65
N PRO B 118 -19.75 8.11 -10.01
CA PRO B 118 -19.54 8.25 -8.57
C PRO B 118 -20.49 7.44 -7.67
N SER B 119 -19.95 6.94 -6.55
CA SER B 119 -20.67 6.14 -5.57
C SER B 119 -19.91 6.27 -4.25
N ASP B 120 -20.27 5.45 -3.27
CA ASP B 120 -19.59 5.48 -1.97
C ASP B 120 -18.18 4.89 -2.07
N ASP B 121 -17.94 4.15 -3.14
CA ASP B 121 -16.65 3.51 -3.40
C ASP B 121 -15.81 4.23 -4.44
N ILE B 122 -16.43 5.12 -5.20
CA ILE B 122 -15.76 5.89 -6.24
C ILE B 122 -16.03 7.38 -6.04
N GLU B 123 -15.00 8.11 -5.61
CA GLU B 123 -15.12 9.56 -5.41
C GLU B 123 -14.45 10.25 -6.58
N ILE B 124 -15.14 11.24 -7.13
CA ILE B 124 -14.63 11.92 -8.31
C ILE B 124 -14.63 13.43 -8.07
N VAL B 125 -13.50 14.10 -8.36
N VAL B 125 -13.56 14.08 -8.48
CA VAL B 125 -13.38 15.55 -8.16
CA VAL B 125 -13.43 15.52 -8.30
C VAL B 125 -12.52 16.22 -9.25
C VAL B 125 -12.65 16.15 -9.44
N TYR B 126 -12.89 17.44 -9.62
CA TYR B 126 -12.14 18.24 -10.59
C TYR B 126 -11.33 19.15 -9.66
N LYS B 127 -10.01 19.13 -9.77
CA LYS B 127 -9.16 20.01 -8.95
C LYS B 127 -8.62 21.01 -9.96
N ASN B 128 -9.15 22.24 -9.93
CA ASN B 128 -8.74 23.28 -10.89
C ASN B 128 -7.40 23.92 -10.59
N ARG B 129 -6.33 23.12 -10.69
CA ARG B 129 -4.96 23.58 -10.41
C ARG B 129 -4.47 24.63 -11.37
N GLY B 130 -5.08 24.66 -12.56
CA GLY B 130 -4.73 25.63 -13.60
C GLY B 130 -5.00 27.07 -13.16
N SER B 131 -5.96 27.22 -12.25
CA SER B 131 -6.33 28.53 -11.72
C SER B 131 -6.19 28.55 -10.18
N GLY B 132 -5.32 27.69 -9.66
CA GLY B 132 -5.10 27.65 -8.22
C GLY B 132 -4.06 28.67 -7.80
N LYS B 133 -3.93 28.87 -6.50
CA LYS B 133 -2.94 29.78 -5.94
C LYS B 133 -2.07 28.94 -4.99
N LEU B 134 -0.77 29.05 -5.15
CA LEU B 134 0.19 28.31 -4.34
C LEU B 134 1.30 29.23 -3.92
N ILE B 135 1.60 29.25 -2.61
CA ILE B 135 2.68 30.09 -2.13
C ILE B 135 3.63 29.35 -1.20
N GLY B 136 4.92 29.58 -1.43
CA GLY B 136 5.96 28.99 -0.61
C GLY B 136 6.24 29.98 0.52
N ILE B 137 6.57 29.45 1.70
CA ILE B 137 6.86 30.30 2.84
C ILE B 137 8.36 30.27 3.13
N ASP B 138 8.95 31.46 3.29
CA ASP B 138 10.40 31.61 3.56
C ASP B 138 10.78 31.13 4.96
N ASN B 139 11.73 30.20 5.02
CA ASN B 139 12.23 29.67 6.29
C ASN B 139 11.41 28.63 7.03
N TRP B 140 10.23 28.32 6.49
N TRP B 140 10.28 28.19 6.46
CA TRP B 140 9.37 27.30 7.04
CA TRP B 140 9.42 27.21 7.15
C TRP B 140 9.05 26.42 5.87
C TRP B 140 9.10 25.83 6.55
N ALA B 141 9.35 25.14 6.02
N ALA B 141 9.49 25.59 5.30
CA ALA B 141 9.15 24.15 4.99
CA ALA B 141 9.28 24.30 4.60
C ALA B 141 7.68 23.80 4.82
C ALA B 141 7.83 23.80 4.39
N ILE B 142 6.91 24.76 4.29
CA ILE B 142 5.47 24.53 4.04
C ILE B 142 5.03 25.27 2.78
N THR B 143 3.99 24.73 2.16
N THR B 143 4.01 24.73 2.10
CA THR B 143 3.41 25.34 0.98
CA THR B 143 3.42 25.36 0.92
C THR B 143 1.94 25.54 1.34
C THR B 143 1.91 25.48 1.17
N ILE B 144 1.37 26.68 0.95
CA ILE B 144 -0.04 26.98 1.22
C ILE B 144 -0.76 27.10 -0.11
N LYS B 145 -1.86 26.34 -0.25
CA LYS B 145 -2.58 26.28 -1.54
C LYS B 145 -4.06 26.58 -1.42
N SER B 146 -4.61 27.26 -2.44
CA SER B 146 -6.04 27.58 -2.53
C SER B 146 -6.43 27.00 -3.87
N THR B 147 -7.30 25.99 -3.85
CA THR B 147 -7.70 25.29 -5.08
C THR B 147 -9.20 25.05 -5.19
N GLU B 148 -9.75 25.33 -6.38
CA GLU B 148 -11.16 25.09 -6.62
C GLU B 148 -11.34 23.60 -6.88
N GLU B 149 -12.13 22.95 -6.03
CA GLU B 149 -12.38 21.51 -6.13
C GLU B 149 -13.87 21.28 -6.32
N ILE B 150 -14.24 20.78 -7.50
CA ILE B 150 -15.64 20.53 -7.85
C ILE B 150 -15.97 19.03 -7.83
N PRO B 151 -16.72 18.57 -6.82
CA PRO B 151 -17.08 17.15 -6.74
C PRO B 151 -18.17 16.76 -7.73
N LEU B 152 -18.04 15.56 -8.28
CA LEU B 152 -19.03 15.01 -9.20
C LEU B 152 -19.66 13.92 -8.31
N VAL B 153 -20.86 14.18 -7.83
CA VAL B 153 -21.59 13.25 -6.96
C VAL B 153 -22.77 12.57 -7.67
N ALA B 154 -23.32 11.56 -7.00
CA ALA B 154 -24.45 10.79 -7.52
C ALA B 154 -25.80 11.48 -7.35
N GLY B 155 -26.65 11.38 -8.37
CA GLY B 155 -27.98 11.95 -8.36
C GLY B 155 -28.08 13.46 -8.56
N SER B 157 -27.39 15.86 -10.73
CA SER B 157 -26.34 15.93 -11.74
C SER B 157 -26.40 17.24 -12.53
N LYS B 158 -25.27 17.94 -12.59
CA LYS B 158 -25.14 19.20 -13.30
C LYS B 158 -23.71 19.33 -13.81
N ILE B 159 -22.80 18.66 -13.11
CA ILE B 159 -21.36 18.65 -13.42
C ILE B 159 -21.12 17.53 -14.43
N SER B 160 -20.64 17.92 -15.61
CA SER B 160 -20.36 16.98 -16.70
C SER B 160 -18.94 16.42 -16.67
N LYS B 161 -18.73 15.35 -17.44
CA LYS B 161 -17.45 14.68 -17.53
C LYS B 161 -16.54 15.30 -18.59
N PRO B 162 -15.20 15.20 -18.42
CA PRO B 162 -14.29 15.79 -19.41
C PRO B 162 -14.15 15.02 -20.72
N LYS B 163 -13.70 15.72 -21.75
CA LYS B 163 -13.49 15.13 -23.06
C LYS B 163 -12.02 14.75 -23.18
N ILE B 164 -11.78 13.52 -23.62
CA ILE B 164 -10.44 12.97 -23.80
C ILE B 164 -9.92 13.27 -25.22
N THR B 165 -8.70 13.78 -25.31
CA THR B 165 -8.06 14.13 -26.59
C THR B 165 -6.75 13.38 -26.85
N GLY B 166 -6.19 12.78 -25.80
CA GLY B 166 -4.94 12.03 -25.95
C GLY B 166 -3.72 12.77 -25.41
N SER B 167 -3.92 14.03 -25.04
CA SER B 167 -2.86 14.88 -24.50
C SER B 167 -2.72 14.76 -22.98
N GLU B 168 -3.60 13.96 -22.38
CA GLU B 168 -3.63 13.73 -20.94
C GLU B 168 -2.50 12.87 -20.43
N ARG B 169 -1.97 13.26 -19.28
CA ARG B 169 -0.90 12.56 -18.56
C ARG B 169 -1.69 11.89 -17.43
N ILE B 170 -1.23 10.71 -17.00
CA ILE B 170 -1.92 9.99 -15.93
C ILE B 170 -0.94 9.71 -14.82
N MET B 171 -1.38 9.95 -13.58
CA MET B 171 -0.54 9.69 -12.42
C MET B 171 -1.36 8.83 -11.47
N TYR B 172 -0.70 7.81 -10.90
CA TYR B 172 -1.32 6.87 -9.97
C TYR B 172 -0.71 7.03 -8.61
N ARG B 173 -1.55 7.08 -7.59
N ARG B 173 -1.56 7.07 -7.59
CA ARG B 173 -1.08 7.19 -6.21
CA ARG B 173 -1.13 7.21 -6.21
C ARG B 173 -1.90 6.26 -5.33
C ARG B 173 -1.92 6.25 -5.33
N TYR B 174 -1.23 5.28 -4.73
CA TYR B 174 -1.89 4.33 -3.83
C TYR B 174 -1.61 4.90 -2.43
N LYS B 175 -2.69 5.23 -1.72
CA LYS B 175 -2.62 5.88 -0.43
C LYS B 175 -3.16 5.15 0.79
N THR B 176 -2.43 5.25 1.89
CA THR B 176 -2.89 4.74 3.20
C THR B 176 -2.89 6.03 4.00
N ARG B 177 -4.10 6.58 4.17
N ARG B 177 -4.08 6.61 4.16
CA ARG B 177 -4.30 7.84 4.88
CA ARG B 177 -4.26 7.90 4.86
C ARG B 177 -4.90 7.72 6.29
C ARG B 177 -4.97 7.83 6.22
N TYR B 178 -4.40 8.56 7.20
CA TYR B 178 -4.93 8.65 8.58
C TYR B 178 -5.32 10.14 8.66
N SER B 179 -6.60 10.42 8.92
CA SER B 179 -7.14 11.78 8.99
C SER B 179 -7.64 12.07 10.38
N PHE B 180 -7.14 13.16 10.94
CA PHE B 180 -7.48 13.56 12.29
C PHE B 180 -8.21 14.90 12.32
N THR B 181 -9.48 14.89 12.74
CA THR B 181 -10.30 16.11 12.85
C THR B 181 -9.99 16.63 14.24
N ILE B 182 -8.95 17.44 14.30
CA ILE B 182 -8.42 17.96 15.57
C ILE B 182 -9.28 18.99 16.32
N ASN B 183 -10.12 19.70 15.58
CA ASN B 183 -11.05 20.70 16.13
C ASN B 183 -12.12 20.95 15.06
N LYS B 184 -12.98 21.95 15.27
CA LYS B 184 -14.05 22.22 14.33
C LYS B 184 -13.62 22.93 13.04
N ASN B 185 -12.40 23.46 13.06
N ASN B 185 -12.36 23.36 12.98
CA ASN B 185 -11.83 24.23 11.96
CA ASN B 185 -11.87 24.06 11.79
C ASN B 185 -10.91 23.51 11.00
C ASN B 185 -10.65 23.48 11.05
N SER B 186 -10.18 22.52 11.48
N SER B 186 -10.09 22.38 11.57
CA SER B 186 -9.21 21.82 10.65
CA SER B 186 -8.89 21.78 10.96
C SER B 186 -9.15 20.30 10.74
C SER B 186 -8.80 20.27 10.96
N ARG B 187 -8.37 19.71 9.83
CA ARG B 187 -8.18 18.27 9.72
C ARG B 187 -6.73 18.01 9.33
N ILE B 188 -6.06 17.13 10.06
CA ILE B 188 -4.68 16.76 9.73
C ILE B 188 -4.69 15.45 8.94
N ASP B 189 -4.14 15.46 7.73
CA ASP B 189 -4.06 14.22 6.92
C ASP B 189 -2.61 13.77 6.87
N ILE B 190 -2.36 12.51 7.25
CA ILE B 190 -1.00 11.98 7.21
C ILE B 190 -1.11 10.76 6.31
N THR B 191 -0.32 10.77 5.24
CA THR B 191 -0.45 9.71 4.24
C THR B 191 0.84 9.02 3.85
N ASP B 192 0.75 7.70 3.73
CA ASP B 192 1.81 6.80 3.23
C ASP B 192 1.35 6.72 1.75
N VAL B 193 2.17 7.26 0.85
N VAL B 193 2.16 7.23 0.85
CA VAL B 193 1.88 7.34 -0.60
CA VAL B 193 1.81 7.25 -0.58
C VAL B 193 2.88 6.60 -1.49
C VAL B 193 2.85 6.60 -1.49
N LYS B 194 2.36 5.80 -2.42
CA LYS B 194 3.20 5.10 -3.41
C LYS B 194 2.77 5.82 -4.69
N SER B 195 3.74 6.45 -5.37
N SER B 195 3.72 6.47 -5.37
CA SER B 195 3.46 7.21 -6.58
CA SER B 195 3.44 7.25 -6.58
C SER B 195 4.20 6.63 -7.77
C SER B 195 4.23 6.78 -7.80
N SER B 196 3.56 6.68 -8.94
CA SER B 196 4.16 6.21 -10.19
C SER B 196 3.32 6.53 -11.43
N PRO B 197 3.98 6.76 -12.60
CA PRO B 197 3.22 7.05 -13.82
C PRO B 197 2.85 5.72 -14.51
N ILE B 198 3.30 4.61 -13.93
CA ILE B 198 3.06 3.27 -14.47
C ILE B 198 2.47 2.32 -13.41
N ILE B 199 1.33 1.70 -13.76
CA ILE B 199 0.58 0.81 -12.86
C ILE B 199 1.27 -0.44 -12.34
N TRP B 200 2.08 -1.10 -13.18
N TRP B 200 2.09 -1.05 -13.19
CA TRP B 200 2.76 -2.33 -12.76
CA TRP B 200 2.86 -2.27 -12.91
C TRP B 200 3.80 -2.16 -11.63
C TRP B 200 3.81 -2.15 -11.71
N LYS B 201 4.51 -1.03 -11.64
CA LYS B 201 5.49 -0.75 -10.58
C LYS B 201 4.94 -0.08 -9.32
N LEU B 202 3.70 0.42 -9.38
CA LEU B 202 3.04 1.11 -8.28
C LEU B 202 3.12 0.53 -6.86
N MET B 203 2.75 -0.74 -6.70
CA MET B 203 2.77 -1.35 -5.37
C MET B 203 4.16 -1.69 -4.82
N THR B 204 5.17 -1.60 -5.69
CA THR B 204 6.56 -1.90 -5.32
C THR B 204 7.50 -0.69 -5.16
N VAL B 205 7.00 0.49 -5.50
N VAL B 205 7.02 0.50 -5.54
CA VAL B 205 7.73 1.76 -5.38
CA VAL B 205 7.79 1.73 -5.41
C VAL B 205 7.80 2.10 -3.87
C VAL B 205 7.82 2.09 -3.90
N PRO B 206 8.96 2.60 -3.37
CA PRO B 206 9.01 2.94 -1.92
C PRO B 206 8.05 4.08 -1.58
N SER B 207 7.42 3.96 -0.41
CA SER B 207 6.46 4.95 0.04
C SER B 207 7.08 6.27 0.48
N ASN B 208 6.41 7.37 0.14
CA ASN B 208 6.77 8.71 0.59
C ASN B 208 5.69 9.04 1.63
N TYR B 209 5.98 9.96 2.55
CA TYR B 209 5.03 10.25 3.62
C TYR B 209 4.69 11.72 3.62
N GLU B 210 3.40 12.00 3.43
CA GLU B 210 2.90 13.36 3.35
C GLU B 210 2.15 13.80 4.61
N LEU B 211 2.20 15.10 4.91
CA LEU B 211 1.57 15.64 6.11
C LEU B 211 0.91 16.94 5.67
N GLU B 212 -0.39 17.05 5.89
CA GLU B 212 -1.15 18.23 5.44
C GLU B 212 -2.19 18.67 6.43
N LEU B 213 -2.48 19.98 6.45
CA LEU B 213 -3.54 20.54 7.29
C LEU B 213 -4.56 21.04 6.27
N GLU B 214 -5.80 20.63 6.43
CA GLU B 214 -6.85 21.07 5.50
C GLU B 214 -7.90 21.82 6.31
N LEU B 215 -8.33 22.98 5.83
CA LEU B 215 -9.39 23.69 6.56
C LEU B 215 -10.76 23.10 6.26
N ILE B 216 -11.60 23.02 7.30
CA ILE B 216 -12.98 22.53 7.16
C ILE B 216 -14.01 23.61 7.51
N ASN B 217 -13.55 24.71 8.13
CA ASN B 217 -14.43 25.87 8.44
C ASN B 217 -13.63 27.17 8.35
N LYS B 218 -14.32 28.30 8.24
CA LYS B 218 -13.65 29.60 8.11
C LYS B 218 -12.88 30.04 9.35
N ILE B 219 -11.67 30.54 9.11
CA ILE B 219 -10.80 31.05 10.18
C ILE B 219 -10.03 32.29 9.77
N ASP B 220 -9.49 32.99 10.76
CA ASP B 220 -8.61 34.12 10.49
C ASP B 220 -7.14 33.63 10.50
N ILE B 221 -6.21 34.49 10.08
CA ILE B 221 -4.80 34.13 10.01
C ILE B 221 -4.13 33.88 11.38
N ASN B 222 -4.68 34.45 12.45
CA ASN B 222 -4.11 34.19 13.78
C ASN B 222 -4.36 32.73 14.14
N THR B 223 -5.58 32.26 13.87
CA THR B 223 -5.92 30.85 14.13
C THR B 223 -5.07 29.95 13.23
N LEU B 224 -4.89 30.32 11.96
CA LEU B 224 -4.03 29.50 11.07
C LEU B 224 -2.61 29.38 11.63
N GLU B 225 -2.04 30.51 12.05
CA GLU B 225 -0.69 30.56 12.58
C GLU B 225 -0.54 29.69 13.82
N SER B 226 -1.52 29.75 14.72
CA SER B 226 -1.50 28.93 15.96
C SER B 226 -1.56 27.44 15.64
N GLU B 227 -2.41 27.09 14.67
CA GLU B 227 -2.55 25.70 14.21
C GLU B 227 -1.24 25.20 13.59
N LEU B 228 -0.57 26.05 12.80
CA LEU B 228 0.69 25.71 12.15
C LEU B 228 1.81 25.55 13.17
N LEU B 229 1.84 26.44 14.17
CA LEU B 229 2.84 26.35 15.22
C LEU B 229 2.71 25.07 16.01
N ASN B 230 1.48 24.60 16.19
N ASN B 230 1.50 24.60 16.20
CA ASN B 230 1.18 23.36 16.91
CA ASN B 230 1.28 23.35 16.93
C ASN B 230 1.69 22.13 16.14
C ASN B 230 1.82 22.16 16.13
N VAL B 231 1.63 22.18 14.81
CA VAL B 231 2.12 21.08 13.96
C VAL B 231 3.66 21.16 13.89
N PHE B 232 4.23 22.38 13.82
CA PHE B 232 5.69 22.55 13.80
C PHE B 232 6.32 22.01 15.08
N MET B 233 5.61 22.14 16.19
CA MET B 233 6.12 21.63 17.48
C MET B 233 6.15 20.11 17.50
N ILE B 234 5.15 19.50 16.86
CA ILE B 234 5.04 18.03 16.79
C ILE B 234 6.10 17.44 15.85
N ILE B 235 6.38 18.18 14.76
CA ILE B 235 7.40 17.79 13.78
C ILE B 235 8.79 17.87 14.43
N GLN B 236 9.05 18.96 15.15
CA GLN B 236 10.34 19.19 15.81
C GLN B 236 10.60 18.37 17.08
N ASP B 237 9.57 17.71 17.61
CA ASP B 237 9.65 16.89 18.82
C ASP B 237 10.61 15.68 18.68
#